data_5K6R
#
_entry.id   5K6R
#
_cell.length_a   180.364
_cell.length_b   180.364
_cell.length_c   186.467
_cell.angle_alpha   90.00
_cell.angle_beta   90.00
_cell.angle_gamma   120.00
#
_symmetry.space_group_name_H-M   'P 64 2 2'
#
loop_
_entity.id
_entity.type
_entity.pdbx_description
1 polymer 'Acetolactate synthase, chloroplastic'
2 non-polymer 'MAGNESIUM ION'
3 non-polymer 'FLAVIN-ADENINE DINUCLEOTIDE'
4 non-polymer 'methyl 4-[(3-methoxy-4-methyl-5-oxidanylidene-1,2,4-triazol-1-yl)carbonylsulfamoyl]-5-methyl-thiophene-3-carboxylate'
5 non-polymer '2-[N-CYCLOHEXYLAMINO]ETHANE SULFONIC ACID'
6 non-polymer 'POTASSIUM ION'
7 non-polymer '2-{3-[(4-AMINO-2-METHYLPYRIMIDIN-5-YL)METHYL]-4-METHYL-2-OXO-2,3-DIHYDRO-1,3-THIAZOL-5-YL}ETHYL TRIHYDROGEN DIPHOSPHATE'
8 water water
#
_entity_poly.entity_id   1
_entity_poly.type   'polypeptide(L)'
_entity_poly.pdbx_seq_one_letter_code
;TFISRFAPDQPRKGADILVEALERQGVETVFAYPGGASMEIHQALTRSSSIRNVLPRHEQGGVFAAEGYARSSGKPGICI
ATSGPGATNLVSGLADALLDSVPLVAITGQVPRRMIGTDAFQETPIVEVTRSITKHNYLVMDVEDIPRIIEEAFFLATSG
RPGPVLVDVPKDIQQQLAIPNWEQAMRLPGYMSRMPKPPEDSHLEQIVRLISESKKPVLYVGGGCLNSSDELGRFVELTG
IPVASTLMGLGSYP(CSD)DDELSLHMLGMHGTVYANYAVEHSDLLLAFGVRFDDRVTGKLEAFASRAKIVHIDIDSAEI
GKNKTPHVSVCGDVKLALQGMNKVLENRAEELKLDFGVWRNELNVQKQKFPLSFKTFGEAIPPQYAIKVLDELTDGKAII
STGVGQHQMWAAQFYNYKKPRQWLSSGGLGAMGFGLPAAIGASVANPDAIVVDIDGDGSFIMNVQELATIRVENLPVKVL
LLNNQHLGMVMQWEDRFYKANRAHTFLGDPAQEDEIFPNMLLFAAACGIPAARVTKKADLREAIQTMLDTPGPYLLDVIC
PHQEHVLPMIPSGGTFNDVITEGDGRLEHHHHHH
;
_entity_poly.pdbx_strand_id   A
#
loop_
_chem_comp.id
_chem_comp.type
_chem_comp.name
_chem_comp.formula
6R5 non-polymer 'methyl 4-[(3-methoxy-4-methyl-5-oxidanylidene-1,2,4-triazol-1-yl)carbonylsulfamoyl]-5-methyl-thiophene-3-carboxylate' 'C12 H14 N4 O7 S2'
FAD non-polymer 'FLAVIN-ADENINE DINUCLEOTIDE' 'C27 H33 N9 O15 P2'
K non-polymer 'POTASSIUM ION' 'K 1'
MG non-polymer 'MAGNESIUM ION' 'Mg 2'
NHE non-polymer '2-[N-CYCLOHEXYLAMINO]ETHANE SULFONIC ACID' 'C8 H17 N O3 S'
TZD non-polymer '2-{3-[(4-AMINO-2-METHYLPYRIMIDIN-5-YL)METHYL]-4-METHYL-2-OXO-2,3-DIHYDRO-1,3-THIAZOL-5-YL}ETHYL TRIHYDROGEN DIPHOSPHATE' 'C12 H18 N4 O8 P2 S'
#
# COMPACT_ATOMS: atom_id res chain seq x y z
N THR A 1 -18.60 7.69 -26.46
CA THR A 1 -20.04 7.51 -26.30
C THR A 1 -20.34 6.16 -25.65
N PHE A 2 -21.08 6.21 -24.54
CA PHE A 2 -21.40 5.00 -23.78
C PHE A 2 -22.63 4.29 -24.34
N ILE A 3 -22.58 2.96 -24.36
CA ILE A 3 -23.71 2.16 -24.82
C ILE A 3 -24.33 1.37 -23.68
N SER A 4 -25.59 1.65 -23.38
CA SER A 4 -26.32 0.98 -22.31
C SER A 4 -27.01 -0.27 -22.83
N ARG A 5 -27.23 -1.23 -21.94
CA ARG A 5 -27.94 -2.46 -22.30
C ARG A 5 -29.45 -2.26 -22.18
N PHE A 6 -29.84 -1.06 -21.77
CA PHE A 6 -31.25 -0.71 -21.63
C PHE A 6 -31.61 0.50 -22.47
N ALA A 7 -32.87 0.58 -22.89
CA ALA A 7 -33.35 1.74 -23.62
C ALA A 7 -33.44 2.95 -22.68
N PRO A 8 -33.26 4.17 -23.22
CA PRO A 8 -33.31 5.38 -22.41
C PRO A 8 -34.66 5.59 -21.72
N ASP A 9 -35.70 4.93 -22.20
CA ASP A 9 -37.04 5.08 -21.63
C ASP A 9 -37.52 3.78 -20.98
N GLN A 10 -36.58 2.85 -20.79
CA GLN A 10 -36.92 1.53 -20.24
C GLN A 10 -36.57 1.43 -18.75
N PRO A 11 -37.61 1.29 -17.91
CA PRO A 11 -37.39 1.13 -16.46
C PRO A 11 -36.67 -0.18 -16.12
N ARG A 12 -35.67 -0.09 -15.25
CA ARG A 12 -34.90 -1.26 -14.83
CA ARG A 12 -34.91 -1.26 -14.83
C ARG A 12 -34.62 -1.20 -13.34
N LYS A 13 -34.29 -2.36 -12.76
CA LYS A 13 -34.01 -2.45 -11.33
C LYS A 13 -32.89 -1.51 -10.90
N GLY A 14 -32.97 -1.04 -9.66
CA GLY A 14 -31.95 -0.18 -9.09
C GLY A 14 -30.58 -0.85 -9.10
N ALA A 15 -30.58 -2.17 -8.96
CA ALA A 15 -29.35 -2.95 -9.00
C ALA A 15 -28.71 -2.88 -10.38
N ASP A 16 -29.54 -2.87 -11.43
CA ASP A 16 -29.04 -2.74 -12.79
C ASP A 16 -28.50 -1.33 -13.02
N ILE A 17 -29.12 -0.37 -12.36
CA ILE A 17 -28.67 1.02 -12.45
C ILE A 17 -27.31 1.18 -11.78
N LEU A 18 -27.15 0.52 -10.62
CA LEU A 18 -25.89 0.59 -9.89
C LEU A 18 -24.73 0.00 -10.68
N VAL A 19 -24.99 -1.10 -11.38
CA VAL A 19 -23.95 -1.76 -12.16
C VAL A 19 -23.57 -0.94 -13.40
N GLU A 20 -24.56 -0.36 -14.05
CA GLU A 20 -24.30 0.50 -15.19
C GLU A 20 -23.53 1.74 -14.76
N ALA A 21 -23.81 2.20 -13.55
CA ALA A 21 -23.09 3.34 -12.98
C ALA A 21 -21.60 3.02 -12.84
N LEU A 22 -21.29 1.78 -12.47
CA LEU A 22 -19.91 1.31 -12.38
C LEU A 22 -19.30 1.23 -13.78
N GLU A 23 -20.08 0.74 -14.73
CA GLU A 23 -19.63 0.63 -16.12
C GLU A 23 -19.26 1.99 -16.69
N ARG A 24 -20.03 3.01 -16.32
CA ARG A 24 -19.80 4.36 -16.81
C ARG A 24 -18.60 5.01 -16.12
N GLN A 25 -18.11 4.37 -15.07
CA GLN A 25 -16.91 4.84 -14.38
C GLN A 25 -15.67 4.11 -14.91
N GLY A 26 -15.89 3.19 -15.85
CA GLY A 26 -14.81 2.44 -16.46
C GLY A 26 -14.37 1.22 -15.69
N VAL A 27 -15.20 0.79 -14.73
CA VAL A 27 -14.88 -0.38 -13.92
C VAL A 27 -14.90 -1.65 -14.75
N GLU A 28 -13.85 -2.45 -14.62
CA GLU A 28 -13.74 -3.71 -15.35
C GLU A 28 -13.76 -4.92 -14.42
N THR A 29 -13.45 -4.70 -13.15
CA THR A 29 -13.28 -5.80 -12.20
C THR A 29 -13.79 -5.41 -10.82
N VAL A 30 -14.55 -6.32 -10.21
CA VAL A 30 -14.99 -6.14 -8.83
C VAL A 30 -14.64 -7.39 -8.02
N PHE A 31 -14.57 -7.22 -6.70
CA PHE A 31 -14.36 -8.36 -5.81
C PHE A 31 -15.56 -8.48 -4.88
N ALA A 32 -16.47 -9.39 -5.23
CA ALA A 32 -17.76 -9.46 -4.57
C ALA A 32 -18.08 -10.85 -4.04
N TYR A 33 -18.54 -10.91 -2.80
CA TYR A 33 -18.97 -12.16 -2.15
C TYR A 33 -20.46 -12.07 -1.86
N PRO A 34 -21.25 -12.97 -2.47
CA PRO A 34 -22.71 -12.88 -2.45
C PRO A 34 -23.34 -13.14 -1.08
N GLY A 35 -24.47 -12.49 -0.84
CA GLY A 35 -25.27 -12.70 0.34
C GLY A 35 -26.68 -12.21 0.09
N GLY A 36 -27.59 -12.48 1.02
CA GLY A 36 -29.00 -12.17 0.85
C GLY A 36 -29.31 -10.74 0.45
N ALA A 37 -28.68 -9.79 1.13
CA ALA A 37 -28.98 -8.37 0.91
C ALA A 37 -28.33 -7.81 -0.35
N SER A 38 -27.49 -8.62 -1.01
CA SER A 38 -26.80 -8.15 -2.20
C SER A 38 -27.00 -9.08 -3.40
N MET A 39 -27.95 -10.01 -3.29
CA MET A 39 -28.21 -10.96 -4.37
C MET A 39 -28.59 -10.26 -5.67
N GLU A 40 -29.43 -9.22 -5.56
CA GLU A 40 -29.88 -8.47 -6.71
C GLU A 40 -28.70 -7.87 -7.48
N ILE A 41 -27.75 -7.31 -6.75
CA ILE A 41 -26.56 -6.74 -7.35
C ILE A 41 -25.74 -7.81 -8.08
N HIS A 42 -25.64 -8.99 -7.47
CA HIS A 42 -24.90 -10.09 -8.08
C HIS A 42 -25.58 -10.60 -9.34
N GLN A 43 -26.91 -10.60 -9.33
CA GLN A 43 -27.67 -10.96 -10.52
C GLN A 43 -27.38 -9.96 -11.63
N ALA A 44 -27.38 -8.67 -11.28
CA ALA A 44 -27.14 -7.61 -12.24
C ALA A 44 -25.74 -7.68 -12.81
N LEU A 45 -24.80 -8.21 -12.03
CA LEU A 45 -23.42 -8.36 -12.47
C LEU A 45 -23.29 -9.38 -13.60
N THR A 46 -24.09 -10.44 -13.54
CA THR A 46 -24.04 -11.48 -14.56
C THR A 46 -24.56 -10.98 -15.90
N ARG A 47 -25.44 -9.98 -15.85
CA ARG A 47 -26.00 -9.41 -17.06
C ARG A 47 -25.01 -8.45 -17.73
N SER A 48 -24.02 -8.02 -16.96
CA SER A 48 -22.95 -7.18 -17.50
C SER A 48 -21.90 -8.02 -18.21
N SER A 49 -21.49 -7.58 -19.39
CA SER A 49 -20.48 -8.30 -20.15
C SER A 49 -19.13 -7.61 -20.06
N SER A 50 -19.11 -6.44 -19.42
CA SER A 50 -17.87 -5.66 -19.32
C SER A 50 -17.26 -5.71 -17.91
N ILE A 51 -18.07 -6.07 -16.92
CA ILE A 51 -17.58 -6.19 -15.55
C ILE A 51 -17.47 -7.64 -15.11
N ARG A 52 -16.27 -8.02 -14.68
CA ARG A 52 -15.98 -9.37 -14.22
C ARG A 52 -15.85 -9.41 -12.70
N ASN A 53 -16.41 -10.44 -12.09
CA ASN A 53 -16.29 -10.60 -10.64
C ASN A 53 -15.24 -11.65 -10.25
N VAL A 54 -14.40 -11.30 -9.29
CA VAL A 54 -13.50 -12.27 -8.69
C VAL A 54 -14.02 -12.63 -7.31
N LEU A 55 -14.55 -13.85 -7.18
CA LEU A 55 -15.11 -14.32 -5.93
C LEU A 55 -14.01 -14.73 -4.95
N PRO A 56 -13.90 -13.99 -3.84
CA PRO A 56 -12.95 -14.36 -2.78
C PRO A 56 -13.54 -15.47 -1.92
N ARG A 57 -12.81 -15.89 -0.89
CA ARG A 57 -13.34 -16.89 0.04
C ARG A 57 -13.62 -16.26 1.39
N HIS A 58 -13.36 -14.96 1.47
CA HIS A 58 -13.61 -14.17 2.66
C HIS A 58 -13.66 -12.69 2.26
N GLU A 59 -14.59 -11.92 2.82
CA GLU A 59 -14.74 -10.53 2.44
C GLU A 59 -13.48 -9.70 2.75
N GLN A 60 -12.76 -10.06 3.80
CA GLN A 60 -11.49 -9.39 4.09
C GLN A 60 -10.50 -9.67 2.97
N GLY A 61 -10.57 -10.87 2.41
CA GLY A 61 -9.79 -11.21 1.24
C GLY A 61 -10.24 -10.35 0.07
N GLY A 62 -11.55 -10.11 0.00
CA GLY A 62 -12.11 -9.29 -1.06
C GLY A 62 -11.63 -7.86 -1.03
N VAL A 63 -11.68 -7.23 0.14
CA VAL A 63 -11.30 -5.82 0.26
C VAL A 63 -9.78 -5.63 0.12
N PHE A 64 -8.99 -6.57 0.65
CA PHE A 64 -7.54 -6.51 0.51
C PHE A 64 -7.13 -6.69 -0.94
N ALA A 65 -7.89 -7.51 -1.67
CA ALA A 65 -7.65 -7.71 -3.09
C ALA A 65 -7.93 -6.42 -3.86
N ALA A 66 -8.99 -5.74 -3.48
CA ALA A 66 -9.34 -4.46 -4.09
C ALA A 66 -8.24 -3.43 -3.84
N GLU A 67 -7.64 -3.50 -2.66
CA GLU A 67 -6.51 -2.64 -2.32
C GLU A 67 -5.30 -2.91 -3.20
N GLY A 68 -4.95 -4.19 -3.34
CA GLY A 68 -3.84 -4.59 -4.18
C GLY A 68 -4.07 -4.17 -5.61
N TYR A 69 -5.32 -4.33 -6.06
CA TYR A 69 -5.74 -3.89 -7.38
C TYR A 69 -5.47 -2.40 -7.56
N ALA A 70 -5.84 -1.62 -6.55
CA ALA A 70 -5.67 -0.17 -6.58
C ALA A 70 -4.20 0.25 -6.54
N ARG A 71 -3.48 -0.28 -5.54
CA ARG A 71 -2.08 0.09 -5.32
C ARG A 71 -1.17 -0.22 -6.51
N SER A 72 -1.51 -1.27 -7.25
CA SER A 72 -0.65 -1.72 -8.35
C SER A 72 -1.02 -1.10 -9.69
N SER A 73 -2.03 -0.23 -9.70
CA SER A 73 -2.55 0.29 -10.96
C SER A 73 -2.83 1.79 -10.94
N GLY A 74 -3.23 2.31 -9.79
CA GLY A 74 -3.61 3.71 -9.69
C GLY A 74 -5.10 3.91 -9.95
N LYS A 75 -5.77 2.80 -10.26
CA LYS A 75 -7.21 2.80 -10.45
C LYS A 75 -7.89 2.56 -9.09
N PRO A 76 -9.16 2.96 -8.96
CA PRO A 76 -9.86 2.63 -7.71
C PRO A 76 -10.17 1.13 -7.61
N GLY A 77 -10.01 0.57 -6.42
CA GLY A 77 -10.38 -0.81 -6.18
C GLY A 77 -11.82 -0.89 -5.72
N ILE A 78 -12.57 -1.84 -6.27
CA ILE A 78 -13.98 -1.98 -5.93
C ILE A 78 -14.29 -3.34 -5.31
N CYS A 79 -14.87 -3.32 -4.12
CA CYS A 79 -15.31 -4.54 -3.47
C CYS A 79 -16.77 -4.44 -3.06
N ILE A 80 -17.48 -5.56 -3.14
CA ILE A 80 -18.89 -5.60 -2.81
C ILE A 80 -19.19 -6.69 -1.78
N ALA A 81 -19.98 -6.36 -0.77
CA ALA A 81 -20.33 -7.33 0.27
C ALA A 81 -21.82 -7.25 0.61
N THR A 82 -22.33 -8.30 1.24
CA THR A 82 -23.71 -8.29 1.70
C THR A 82 -23.81 -7.56 3.03
N SER A 83 -25.02 -7.52 3.59
CA SER A 83 -25.25 -6.82 4.85
C SER A 83 -24.61 -7.56 6.02
N GLY A 84 -24.66 -6.94 7.20
CA GLY A 84 -24.24 -7.57 8.43
C GLY A 84 -22.82 -8.10 8.44
N PRO A 85 -22.67 -9.42 8.56
CA PRO A 85 -21.38 -10.10 8.68
C PRO A 85 -20.49 -9.89 7.45
N GLY A 86 -21.13 -9.66 6.30
CA GLY A 86 -20.39 -9.33 5.10
C GLY A 86 -19.74 -7.97 5.27
N ALA A 87 -20.53 -6.99 5.69
CA ALA A 87 -20.06 -5.62 5.85
C ALA A 87 -18.96 -5.49 6.90
N THR A 88 -19.17 -6.10 8.06
CA THR A 88 -18.20 -6.00 9.16
C THR A 88 -16.87 -6.66 8.80
N ASN A 89 -16.90 -7.61 7.88
CA ASN A 89 -15.68 -8.27 7.43
C ASN A 89 -14.82 -7.39 6.53
N LEU A 90 -15.38 -6.27 6.08
CA LEU A 90 -14.65 -5.32 5.24
C LEU A 90 -13.82 -4.33 6.06
N VAL A 91 -14.19 -4.17 7.32
CA VAL A 91 -13.72 -3.06 8.17
C VAL A 91 -12.20 -2.87 8.21
N SER A 92 -11.45 -3.95 8.40
CA SER A 92 -9.99 -3.85 8.46
C SER A 92 -9.41 -3.26 7.18
N GLY A 93 -10.02 -3.61 6.05
CA GLY A 93 -9.56 -3.11 4.76
C GLY A 93 -9.88 -1.64 4.55
N LEU A 94 -11.03 -1.22 5.08
CA LEU A 94 -11.42 0.19 4.99
C LEU A 94 -10.46 1.06 5.77
N ALA A 95 -10.19 0.66 7.02
CA ALA A 95 -9.24 1.37 7.87
C ALA A 95 -7.87 1.39 7.22
N ASP A 96 -7.51 0.27 6.61
CA ASP A 96 -6.22 0.11 5.94
C ASP A 96 -6.08 1.12 4.80
N ALA A 97 -7.11 1.22 3.98
CA ALA A 97 -7.09 2.12 2.83
C ALA A 97 -7.07 3.59 3.26
N LEU A 98 -7.74 3.90 4.35
CA LEU A 98 -7.79 5.28 4.84
C LEU A 98 -6.43 5.74 5.33
N LEU A 99 -5.77 4.88 6.09
CA LEU A 99 -4.48 5.23 6.67
C LEU A 99 -3.37 5.34 5.62
N ASP A 100 -3.48 4.55 4.56
CA ASP A 100 -2.46 4.57 3.51
C ASP A 100 -2.91 5.37 2.28
N SER A 101 -4.08 5.98 2.39
CA SER A 101 -4.62 6.82 1.31
C SER A 101 -4.77 6.07 0.00
N VAL A 102 -5.49 4.96 0.04
CA VAL A 102 -5.72 4.12 -1.15
C VAL A 102 -7.13 4.32 -1.68
N PRO A 103 -7.25 4.63 -2.98
CA PRO A 103 -8.57 4.85 -3.60
C PRO A 103 -9.41 3.58 -3.64
N LEU A 104 -10.55 3.59 -2.96
CA LEU A 104 -11.37 2.40 -2.82
C LEU A 104 -12.85 2.73 -2.75
N VAL A 105 -13.67 2.02 -3.50
CA VAL A 105 -15.11 2.12 -3.38
C VAL A 105 -15.68 0.81 -2.89
N ALA A 106 -16.30 0.83 -1.72
CA ALA A 106 -16.90 -0.36 -1.13
C ALA A 106 -18.42 -0.26 -1.16
N ILE A 107 -19.06 -1.25 -1.76
CA ILE A 107 -20.52 -1.29 -1.83
C ILE A 107 -21.06 -2.42 -0.96
N THR A 108 -21.99 -2.09 -0.07
CA THR A 108 -22.59 -3.10 0.79
C THR A 108 -24.10 -3.12 0.63
N GLY A 109 -24.65 -4.33 0.53
CA GLY A 109 -26.10 -4.50 0.56
C GLY A 109 -26.59 -4.20 1.96
N GLN A 110 -27.85 -3.78 2.05
CA GLN A 110 -28.44 -3.47 3.34
C GLN A 110 -29.87 -4.02 3.36
N VAL A 111 -30.39 -4.28 4.55
CA VAL A 111 -31.79 -4.67 4.72
C VAL A 111 -32.70 -3.59 4.12
N PRO A 112 -33.96 -3.95 3.81
CA PRO A 112 -34.92 -2.95 3.33
C PRO A 112 -35.00 -1.73 4.24
N ARG A 113 -35.34 -0.58 3.66
CA ARG A 113 -35.34 0.70 4.39
C ARG A 113 -36.22 0.66 5.63
N ARG A 114 -37.39 0.04 5.52
CA ARG A 114 -38.34 0.01 6.62
C ARG A 114 -37.84 -0.85 7.78
N MET A 115 -36.89 -1.74 7.50
CA MET A 115 -36.37 -2.66 8.51
C MET A 115 -35.20 -2.07 9.28
N ILE A 116 -34.67 -0.94 8.81
CA ILE A 116 -33.49 -0.34 9.41
C ILE A 116 -33.79 0.19 10.81
N GLY A 117 -32.96 -0.19 11.77
CA GLY A 117 -33.08 0.27 13.14
C GLY A 117 -33.89 -0.66 14.02
N THR A 118 -34.36 -1.76 13.45
CA THR A 118 -35.21 -2.70 14.19
C THR A 118 -34.45 -3.95 14.62
N ASP A 119 -33.12 -3.90 14.53
CA ASP A 119 -32.28 -5.06 14.80
C ASP A 119 -32.71 -6.24 13.94
N ALA A 120 -32.84 -5.99 12.65
CA ALA A 120 -33.35 -6.99 11.71
C ALA A 120 -32.32 -8.07 11.39
N PHE A 121 -32.74 -9.06 10.61
CA PHE A 121 -31.88 -10.17 10.23
C PHE A 121 -30.69 -9.68 9.41
N GLN A 122 -29.49 -9.98 9.90
CA GLN A 122 -28.24 -9.57 9.26
C GLN A 122 -28.15 -8.06 9.06
N GLU A 123 -28.60 -7.29 10.04
CA GLU A 123 -28.51 -5.85 9.96
C GLU A 123 -27.36 -5.29 10.80
N THR A 124 -26.57 -4.42 10.18
CA THR A 124 -25.50 -3.71 10.86
C THR A 124 -25.52 -2.26 10.42
N PRO A 125 -25.52 -1.32 11.38
CA PRO A 125 -25.41 0.10 11.04
C PRO A 125 -24.01 0.43 10.52
N ILE A 126 -23.70 -0.05 9.32
CA ILE A 126 -22.33 0.00 8.81
C ILE A 126 -21.85 1.43 8.52
N VAL A 127 -22.78 2.33 8.22
CA VAL A 127 -22.44 3.73 7.99
C VAL A 127 -21.94 4.35 9.28
N GLU A 128 -22.62 4.06 10.38
CA GLU A 128 -22.22 4.55 11.70
C GLU A 128 -20.89 3.93 12.12
N VAL A 129 -20.72 2.64 11.85
CA VAL A 129 -19.53 1.90 12.23
C VAL A 129 -18.29 2.41 11.49
N THR A 130 -18.44 2.73 10.21
CA THR A 130 -17.30 3.04 9.37
C THR A 130 -17.08 4.53 9.08
N ARG A 131 -17.83 5.39 9.77
CA ARG A 131 -17.73 6.83 9.51
C ARG A 131 -16.33 7.37 9.84
N SER A 132 -15.69 6.81 10.85
CA SER A 132 -14.39 7.30 11.30
C SER A 132 -13.22 6.58 10.62
N ILE A 133 -13.52 5.60 9.77
CA ILE A 133 -12.46 4.85 9.09
C ILE A 133 -12.65 4.82 7.58
N THR A 134 -13.44 5.74 7.07
CA THR A 134 -13.55 5.96 5.62
C THR A 134 -13.39 7.44 5.33
N LYS A 135 -13.06 7.77 4.09
CA LYS A 135 -12.95 9.17 3.70
C LYS A 135 -14.34 9.80 3.71
N HIS A 136 -15.34 8.99 3.39
CA HIS A 136 -16.74 9.40 3.35
C HIS A 136 -17.60 8.16 3.11
N ASN A 137 -18.86 8.20 3.53
CA ASN A 137 -19.77 7.11 3.21
C ASN A 137 -21.20 7.59 2.98
N TYR A 138 -22.04 6.69 2.46
CA TYR A 138 -23.41 7.03 2.09
C TYR A 138 -24.41 5.95 2.50
N LEU A 139 -25.64 6.36 2.78
CA LEU A 139 -26.76 5.44 2.87
C LEU A 139 -27.81 5.85 1.84
N VAL A 140 -27.89 5.09 0.75
CA VAL A 140 -28.82 5.41 -0.33
C VAL A 140 -30.26 5.22 0.13
N MET A 141 -31.04 6.29 0.11
CA MET A 141 -32.40 6.24 0.61
C MET A 141 -33.46 6.37 -0.49
N ASP A 142 -32.99 6.43 -1.74
CA ASP A 142 -33.89 6.46 -2.88
C ASP A 142 -33.17 5.97 -4.13
N VAL A 143 -33.88 5.24 -4.98
CA VAL A 143 -33.29 4.64 -6.17
C VAL A 143 -32.75 5.70 -7.14
N GLU A 144 -33.32 6.90 -7.08
CA GLU A 144 -32.93 7.96 -8.02
C GLU A 144 -31.64 8.65 -7.62
N ASP A 145 -31.14 8.36 -6.42
CA ASP A 145 -29.89 8.95 -5.95
C ASP A 145 -28.67 8.10 -6.33
N ILE A 146 -28.92 6.93 -6.91
CA ILE A 146 -27.83 6.00 -7.22
C ILE A 146 -26.80 6.56 -8.22
N PRO A 147 -27.25 7.14 -9.34
CA PRO A 147 -26.21 7.66 -10.26
C PRO A 147 -25.36 8.76 -9.64
N ARG A 148 -25.99 9.68 -8.91
CA ARG A 148 -25.26 10.78 -8.29
C ARG A 148 -24.26 10.29 -7.25
N ILE A 149 -24.73 9.44 -6.34
CA ILE A 149 -23.90 8.97 -5.23
C ILE A 149 -22.71 8.15 -5.72
N ILE A 150 -22.95 7.26 -6.68
CA ILE A 150 -21.87 6.46 -7.25
C ILE A 150 -20.81 7.36 -7.89
N GLU A 151 -21.25 8.38 -8.61
CA GLU A 151 -20.33 9.32 -9.23
C GLU A 151 -19.55 10.10 -8.17
N GLU A 152 -20.23 10.54 -7.13
CA GLU A 152 -19.59 11.25 -6.03
C GLU A 152 -18.59 10.38 -5.29
N ALA A 153 -18.94 9.11 -5.12
CA ALA A 153 -18.10 8.16 -4.39
C ALA A 153 -16.77 7.93 -5.11
N PHE A 154 -16.83 7.76 -6.43
CA PHE A 154 -15.62 7.57 -7.22
C PHE A 154 -14.80 8.84 -7.27
N PHE A 155 -15.47 9.99 -7.36
CA PHE A 155 -14.78 11.27 -7.39
C PHE A 155 -14.03 11.50 -6.08
N LEU A 156 -14.72 11.28 -4.96
CA LEU A 156 -14.12 11.50 -3.64
C LEU A 156 -12.98 10.51 -3.36
N ALA A 157 -13.14 9.28 -3.84
CA ALA A 157 -12.16 8.24 -3.57
C ALA A 157 -10.85 8.46 -4.34
N THR A 158 -10.95 9.10 -5.50
CA THR A 158 -9.79 9.19 -6.39
C THR A 158 -9.18 10.58 -6.48
N SER A 159 -9.92 11.61 -6.04
CA SER A 159 -9.42 12.97 -6.10
C SER A 159 -8.79 13.39 -4.77
N GLY A 160 -8.07 14.52 -4.80
CA GLY A 160 -7.38 15.04 -3.62
C GLY A 160 -6.49 13.99 -3.00
N ARG A 161 -6.57 13.85 -1.69
CA ARG A 161 -5.96 12.74 -0.99
C ARG A 161 -6.87 11.52 -1.13
N PRO A 162 -6.45 10.52 -1.90
CA PRO A 162 -7.29 9.35 -2.16
C PRO A 162 -7.66 8.58 -0.89
N GLY A 163 -8.77 7.87 -0.93
CA GLY A 163 -9.21 7.12 0.23
C GLY A 163 -10.45 6.29 -0.05
N PRO A 164 -10.87 5.47 0.92
CA PRO A 164 -12.02 4.58 0.78
C PRO A 164 -13.35 5.30 0.97
N VAL A 165 -14.31 4.99 0.10
CA VAL A 165 -15.67 5.49 0.23
C VAL A 165 -16.65 4.31 0.22
N LEU A 166 -17.56 4.28 1.18
CA LEU A 166 -18.50 3.18 1.30
C LEU A 166 -19.93 3.62 0.94
N VAL A 167 -20.60 2.81 0.14
CA VAL A 167 -21.98 3.09 -0.23
C VAL A 167 -22.91 1.96 0.20
N ASP A 168 -23.84 2.26 1.10
CA ASP A 168 -24.76 1.26 1.64
C ASP A 168 -26.09 1.29 0.89
N VAL A 169 -26.45 0.16 0.27
CA VAL A 169 -27.62 0.10 -0.59
C VAL A 169 -28.69 -0.88 -0.08
N PRO A 170 -29.79 -0.35 0.47
CA PRO A 170 -30.94 -1.14 0.94
C PRO A 170 -31.53 -2.03 -0.16
N LYS A 171 -31.93 -3.24 0.22
CA LYS A 171 -32.38 -4.24 -0.74
C LYS A 171 -33.58 -3.81 -1.58
N ASP A 172 -34.51 -3.08 -0.97
CA ASP A 172 -35.71 -2.64 -1.67
C ASP A 172 -35.37 -1.61 -2.74
N ILE A 173 -34.30 -0.84 -2.51
CA ILE A 173 -33.81 0.11 -3.50
C ILE A 173 -33.26 -0.65 -4.72
N GLN A 174 -32.57 -1.75 -4.45
CA GLN A 174 -32.02 -2.59 -5.51
C GLN A 174 -33.11 -3.19 -6.39
N GLN A 175 -34.29 -3.41 -5.80
CA GLN A 175 -35.38 -4.08 -6.50
C GLN A 175 -36.33 -3.11 -7.19
N GLN A 176 -36.22 -1.83 -6.87
CA GLN A 176 -37.15 -0.84 -7.40
C GLN A 176 -36.83 -0.50 -8.85
N LEU A 177 -37.89 -0.37 -9.66
CA LEU A 177 -37.75 -0.01 -11.06
C LEU A 177 -37.72 1.50 -11.26
N ALA A 178 -36.78 1.97 -12.07
CA ALA A 178 -36.64 3.40 -12.32
C ALA A 178 -35.89 3.69 -13.62
N ILE A 179 -36.01 4.93 -14.08
CA ILE A 179 -35.26 5.41 -15.23
C ILE A 179 -34.20 6.39 -14.75
N PRO A 180 -32.93 5.97 -14.79
CA PRO A 180 -31.84 6.77 -14.21
C PRO A 180 -31.52 8.03 -15.01
N ASN A 181 -31.13 9.09 -14.30
CA ASN A 181 -30.63 10.30 -14.93
C ASN A 181 -29.13 10.41 -14.70
N TRP A 182 -28.36 10.36 -15.78
CA TRP A 182 -26.91 10.34 -15.68
C TRP A 182 -26.31 11.75 -15.76
N GLU A 183 -27.16 12.74 -16.03
CA GLU A 183 -26.71 14.11 -16.16
C GLU A 183 -26.88 14.89 -14.86
N GLN A 184 -27.01 14.17 -13.76
CA GLN A 184 -27.14 14.79 -12.44
C GLN A 184 -25.88 15.54 -12.05
N ALA A 185 -26.03 16.58 -11.24
CA ALA A 185 -24.89 17.34 -10.75
C ALA A 185 -24.51 16.87 -9.35
N MET A 186 -23.21 16.70 -9.12
CA MET A 186 -22.72 16.28 -7.82
C MET A 186 -22.95 17.36 -6.76
N ARG A 187 -23.38 16.93 -5.58
CA ARG A 187 -23.60 17.85 -4.47
C ARG A 187 -22.41 17.89 -3.52
N LEU A 188 -21.29 18.40 -4.01
CA LEU A 188 -20.09 18.53 -3.18
C LEU A 188 -19.50 19.94 -3.22
N PRO A 189 -20.31 20.97 -2.89
CA PRO A 189 -19.85 22.35 -3.07
C PRO A 189 -18.69 22.72 -2.14
N GLY A 190 -18.69 22.18 -0.93
CA GLY A 190 -17.64 22.48 0.03
C GLY A 190 -16.32 21.85 -0.35
N TYR A 191 -16.35 20.56 -0.65
CA TYR A 191 -15.16 19.81 -1.03
C TYR A 191 -14.48 20.39 -2.26
N MET A 192 -15.28 20.82 -3.22
CA MET A 192 -14.74 21.33 -4.48
C MET A 192 -14.18 22.75 -4.35
N SER A 193 -14.72 23.51 -3.41
CA SER A 193 -14.22 24.87 -3.19
C SER A 193 -12.90 24.84 -2.44
N ARG A 194 -12.62 23.72 -1.78
CA ARG A 194 -11.39 23.58 -1.02
C ARG A 194 -10.35 22.72 -1.74
N MET A 195 -10.65 22.36 -2.99
CA MET A 195 -9.68 21.64 -3.80
C MET A 195 -8.52 22.56 -4.14
N PRO A 196 -7.29 22.12 -3.82
CA PRO A 196 -6.07 22.91 -4.01
C PRO A 196 -5.91 23.43 -5.43
N LYS A 197 -5.56 24.71 -5.56
CA LYS A 197 -5.29 25.30 -6.86
C LYS A 197 -3.90 24.87 -7.33
N PRO A 198 -3.63 24.99 -8.65
CA PRO A 198 -2.27 24.71 -9.10
C PRO A 198 -1.25 25.66 -8.49
N PRO A 199 -0.07 25.13 -8.10
CA PRO A 199 0.96 25.86 -7.35
C PRO A 199 1.36 27.18 -8.01
N GLU A 200 1.43 28.23 -7.20
CA GLU A 200 1.81 29.56 -7.69
C GLU A 200 3.31 29.67 -7.89
N ASP A 201 3.71 30.58 -8.78
CA ASP A 201 5.11 30.76 -9.11
C ASP A 201 5.93 31.24 -7.91
N SER A 202 5.35 32.16 -7.14
CA SER A 202 6.03 32.76 -5.99
C SER A 202 6.46 31.70 -4.98
N HIS A 203 5.59 30.73 -4.73
CA HIS A 203 5.90 29.63 -3.82
C HIS A 203 7.02 28.76 -4.37
N LEU A 204 6.94 28.46 -5.66
CA LEU A 204 7.92 27.60 -6.31
C LEU A 204 9.28 28.27 -6.39
N GLU A 205 9.29 29.58 -6.64
CA GLU A 205 10.53 30.34 -6.74
C GLU A 205 11.24 30.40 -5.38
N GLN A 206 10.46 30.38 -4.31
CA GLN A 206 11.02 30.44 -2.97
C GLN A 206 11.79 29.16 -2.65
N ILE A 207 11.26 28.04 -3.11
CA ILE A 207 11.89 26.74 -2.91
C ILE A 207 13.22 26.65 -3.67
N VAL A 208 13.19 26.99 -4.95
CA VAL A 208 14.38 27.00 -5.78
C VAL A 208 15.45 27.92 -5.20
N ARG A 209 15.00 29.01 -4.57
CA ARG A 209 15.91 29.94 -3.91
C ARG A 209 16.60 29.28 -2.71
N LEU A 210 15.82 28.56 -1.92
CA LEU A 210 16.34 27.87 -0.75
C LEU A 210 17.36 26.79 -1.13
N ILE A 211 17.11 26.14 -2.26
CA ILE A 211 18.00 25.09 -2.76
C ILE A 211 19.38 25.64 -3.09
N SER A 212 19.41 26.79 -3.76
CA SER A 212 20.67 27.42 -4.16
C SER A 212 21.45 27.94 -2.96
N GLU A 213 20.76 28.14 -1.84
CA GLU A 213 21.39 28.68 -0.64
C GLU A 213 21.78 27.57 0.34
N SER A 214 21.43 26.33 0.02
CA SER A 214 21.74 25.20 0.88
C SER A 214 23.05 24.54 0.47
N LYS A 215 23.58 23.69 1.35
CA LYS A 215 24.79 22.95 1.06
C LYS A 215 24.62 21.47 1.39
N LYS A 216 23.59 21.15 2.16
CA LYS A 216 23.30 19.77 2.53
C LYS A 216 21.82 19.41 2.36
N PRO A 217 21.30 19.49 1.13
CA PRO A 217 19.88 19.22 0.91
C PRO A 217 19.56 17.73 0.86
N VAL A 218 18.37 17.35 1.32
CA VAL A 218 17.92 15.97 1.28
C VAL A 218 16.46 15.89 0.82
N LEU A 219 16.19 14.98 -0.11
CA LEU A 219 14.82 14.72 -0.54
C LEU A 219 14.16 13.66 0.35
N TYR A 220 12.94 13.96 0.79
CA TYR A 220 12.19 13.11 1.71
C TYR A 220 10.85 12.78 1.06
N VAL A 221 10.82 11.69 0.30
CA VAL A 221 9.67 11.37 -0.55
C VAL A 221 8.84 10.20 -0.03
N GLY A 222 7.54 10.24 -0.29
CA GLY A 222 6.64 9.22 0.20
C GLY A 222 5.52 8.85 -0.76
N GLY A 223 4.42 8.35 -0.20
CA GLY A 223 3.30 7.86 -0.98
C GLY A 223 2.71 8.87 -1.95
N GLY A 224 2.84 10.16 -1.64
CA GLY A 224 2.31 11.20 -2.49
C GLY A 224 3.01 11.35 -3.83
N CYS A 225 4.16 10.70 -3.99
CA CYS A 225 4.95 10.83 -5.22
C CYS A 225 4.76 9.69 -6.21
N LEU A 226 3.84 8.78 -5.91
CA LEU A 226 3.67 7.56 -6.70
C LEU A 226 3.29 7.81 -8.17
N ASN A 227 2.80 9.00 -8.47
CA ASN A 227 2.45 9.35 -9.85
C ASN A 227 3.39 10.41 -10.43
N SER A 228 4.51 10.63 -9.75
CA SER A 228 5.43 11.70 -10.16
C SER A 228 6.86 11.20 -10.40
N SER A 229 6.99 9.91 -10.71
CA SER A 229 8.31 9.30 -10.87
C SER A 229 9.13 9.98 -11.97
N ASP A 230 8.45 10.34 -13.07
CA ASP A 230 9.12 11.04 -14.17
C ASP A 230 9.53 12.45 -13.76
N GLU A 231 8.61 13.18 -13.13
CA GLU A 231 8.87 14.54 -12.68
C GLU A 231 9.97 14.58 -11.62
N LEU A 232 9.90 13.65 -10.67
CA LEU A 232 10.88 13.57 -9.59
C LEU A 232 12.26 13.23 -10.13
N GLY A 233 12.31 12.32 -11.09
CA GLY A 233 13.56 11.92 -11.71
C GLY A 233 14.22 13.08 -12.44
N ARG A 234 13.39 13.89 -13.11
CA ARG A 234 13.86 15.09 -13.79
C ARG A 234 14.41 16.10 -12.78
N PHE A 235 13.71 16.21 -11.65
CA PHE A 235 14.09 17.11 -10.57
C PHE A 235 15.47 16.77 -10.01
N VAL A 236 15.70 15.47 -9.81
CA VAL A 236 16.97 14.99 -9.27
C VAL A 236 18.13 15.25 -10.21
N GLU A 237 17.89 15.07 -11.51
CA GLU A 237 18.91 15.35 -12.53
C GLU A 237 19.36 16.80 -12.50
N LEU A 238 18.41 17.70 -12.24
CA LEU A 238 18.69 19.13 -12.28
C LEU A 238 19.30 19.66 -11.00
N THR A 239 19.15 18.91 -9.91
CA THR A 239 19.61 19.38 -8.61
C THR A 239 20.76 18.54 -8.05
N GLY A 240 20.67 17.22 -8.24
CA GLY A 240 21.68 16.32 -7.70
C GLY A 240 21.48 16.09 -6.21
N ILE A 241 20.25 16.34 -5.74
CA ILE A 241 19.91 16.17 -4.33
C ILE A 241 19.57 14.71 -4.03
N PRO A 242 20.28 14.10 -3.06
CA PRO A 242 20.07 12.71 -2.68
C PRO A 242 18.66 12.44 -2.17
N VAL A 243 18.17 11.22 -2.37
CA VAL A 243 16.77 10.88 -2.10
C VAL A 243 16.58 9.84 -1.00
N ALA A 244 15.83 10.21 0.03
CA ALA A 244 15.41 9.27 1.06
C ALA A 244 13.90 9.04 0.95
N SER A 245 13.49 7.78 1.00
CA SER A 245 12.10 7.43 0.77
C SER A 245 11.46 6.78 2.00
N THR A 246 10.14 6.95 2.12
CA THR A 246 9.39 6.27 3.17
C THR A 246 9.04 4.86 2.74
N LEU A 247 8.47 4.08 3.66
CA LEU A 247 8.01 2.74 3.36
C LEU A 247 6.97 2.78 2.24
N MET A 248 6.20 3.86 2.21
CA MET A 248 5.10 4.00 1.26
C MET A 248 5.53 4.59 -0.08
N GLY A 249 6.73 5.15 -0.12
CA GLY A 249 7.20 5.83 -1.33
C GLY A 249 8.25 5.08 -2.13
N LEU A 250 8.54 3.85 -1.73
CA LEU A 250 9.56 3.04 -2.39
C LEU A 250 9.29 2.89 -3.87
N GLY A 251 10.29 3.24 -4.68
CA GLY A 251 10.20 3.07 -6.12
C GLY A 251 9.90 4.35 -6.87
N SER A 252 9.42 5.36 -6.14
CA SER A 252 9.18 6.68 -6.73
C SER A 252 10.47 7.16 -7.37
N TYR A 253 11.57 6.96 -6.65
CA TYR A 253 12.91 7.12 -7.20
C TYR A 253 13.60 5.76 -7.19
N PRO A 254 14.24 5.39 -8.31
CA PRO A 254 14.86 4.07 -8.47
C PRO A 254 15.84 3.73 -7.34
N CSD A 255 15.62 2.59 -6.68
CA CSD A 255 16.41 2.21 -5.55
CB CSD A 255 15.77 1.06 -4.78
SG CSD A 255 14.39 1.66 -3.87
C CSD A 255 17.86 1.81 -5.84
O CSD A 255 18.76 1.82 -4.99
OD1 CSD A 255 14.65 1.35 -2.47
OD2 CSD A 255 13.33 0.37 -4.15
N ASP A 256 18.10 1.45 -7.10
CA ASP A 256 19.43 1.02 -7.52
C ASP A 256 20.27 2.20 -8.00
N ASP A 257 19.72 3.40 -7.94
CA ASP A 257 20.41 4.60 -8.40
C ASP A 257 21.44 5.07 -7.39
N GLU A 258 22.43 5.82 -7.89
CA GLU A 258 23.55 6.29 -7.06
C GLU A 258 23.12 7.30 -6.01
N LEU A 259 22.11 8.10 -6.32
CA LEU A 259 21.66 9.15 -5.41
C LEU A 259 20.58 8.66 -4.45
N SER A 260 20.27 7.37 -4.51
CA SER A 260 19.26 6.80 -3.62
C SER A 260 19.85 6.50 -2.24
N LEU A 261 19.26 7.09 -1.21
CA LEU A 261 19.65 6.81 0.16
C LEU A 261 18.80 5.69 0.74
N HIS A 262 17.92 5.15 -0.11
CA HIS A 262 16.97 4.11 0.26
C HIS A 262 16.04 4.61 1.36
N MET A 263 15.55 3.70 2.19
CA MET A 263 14.53 4.04 3.18
C MET A 263 15.11 4.69 4.42
N LEU A 264 14.38 5.66 4.97
CA LEU A 264 14.71 6.26 6.25
C LEU A 264 13.71 5.82 7.31
N GLY A 265 14.00 6.13 8.57
CA GLY A 265 13.06 5.84 9.64
C GLY A 265 13.54 4.78 10.64
N MET A 266 12.58 4.18 11.33
CA MET A 266 12.86 3.21 12.39
C MET A 266 13.79 2.08 11.94
N HIS A 267 13.51 1.54 10.76
CA HIS A 267 14.35 0.49 10.19
C HIS A 267 14.99 0.96 8.89
N GLY A 268 15.17 2.27 8.76
CA GLY A 268 15.82 2.83 7.60
C GLY A 268 17.32 2.64 7.66
N THR A 269 18.01 2.93 6.56
CA THR A 269 19.47 2.81 6.53
C THR A 269 20.11 3.89 7.40
N VAL A 270 21.30 3.59 7.91
CA VAL A 270 22.03 4.53 8.75
C VAL A 270 22.33 5.82 8.00
N TYR A 271 22.66 5.70 6.72
CA TYR A 271 23.04 6.87 5.93
C TYR A 271 21.84 7.74 5.53
N ALA A 272 20.66 7.13 5.40
CA ALA A 272 19.46 7.90 5.11
C ALA A 272 19.11 8.77 6.32
N ASN A 273 19.06 8.15 7.49
CA ASN A 273 18.76 8.86 8.73
C ASN A 273 19.85 9.88 9.08
N TYR A 274 21.09 9.57 8.70
CA TYR A 274 22.20 10.50 8.88
C TYR A 274 21.96 11.76 8.07
N ALA A 275 21.65 11.57 6.79
CA ALA A 275 21.42 12.68 5.87
C ALA A 275 20.39 13.67 6.40
N VAL A 276 19.24 13.13 6.84
CA VAL A 276 18.18 13.96 7.41
C VAL A 276 18.65 14.67 8.68
N GLU A 277 19.38 13.93 9.51
CA GLU A 277 19.88 14.45 10.78
C GLU A 277 20.78 15.67 10.60
N HIS A 278 21.59 15.65 9.55
CA HIS A 278 22.58 16.71 9.35
C HIS A 278 22.25 17.63 8.18
N SER A 279 21.07 17.46 7.59
CA SER A 279 20.65 18.30 6.48
C SER A 279 20.43 19.74 6.91
N ASP A 280 20.50 20.66 5.96
CA ASP A 280 20.16 22.06 6.24
C ASP A 280 18.94 22.46 5.41
N LEU A 281 18.54 21.57 4.50
CA LEU A 281 17.32 21.76 3.72
C LEU A 281 16.61 20.43 3.53
N LEU A 282 15.38 20.34 4.01
CA LEU A 282 14.61 19.10 3.90
C LEU A 282 13.42 19.28 2.96
N LEU A 283 13.47 18.59 1.83
CA LEU A 283 12.39 18.65 0.85
C LEU A 283 11.41 17.50 1.06
N ALA A 284 10.34 17.79 1.80
CA ALA A 284 9.34 16.78 2.14
C ALA A 284 8.21 16.75 1.12
N PHE A 285 8.33 15.84 0.14
CA PHE A 285 7.35 15.75 -0.94
C PHE A 285 6.47 14.51 -0.80
N GLY A 286 5.18 14.72 -0.55
CA GLY A 286 4.22 13.64 -0.46
C GLY A 286 4.42 12.73 0.73
N VAL A 287 4.68 13.33 1.89
CA VAL A 287 4.89 12.59 3.13
C VAL A 287 4.03 13.17 4.25
N ARG A 288 3.92 12.46 5.37
CA ARG A 288 3.08 12.94 6.47
C ARG A 288 3.78 12.91 7.83
N PHE A 289 5.11 12.93 7.83
CA PHE A 289 5.91 13.04 9.05
C PHE A 289 5.47 12.09 10.15
N ASP A 290 5.27 10.83 9.79
CA ASP A 290 4.85 9.80 10.74
C ASP A 290 5.99 9.48 11.72
N ASP A 291 5.63 8.98 12.90
CA ASP A 291 6.61 8.77 13.97
C ASP A 291 7.58 7.64 13.68
N ARG A 292 7.22 6.72 12.79
CA ARG A 292 8.16 5.68 12.35
C ARG A 292 9.37 6.34 11.70
N VAL A 293 9.13 7.47 11.04
CA VAL A 293 10.19 8.18 10.32
C VAL A 293 10.90 9.19 11.22
N THR A 294 10.14 9.99 11.96
CA THR A 294 10.70 11.11 12.69
C THR A 294 11.33 10.75 14.03
N GLY A 295 10.72 9.80 14.74
CA GLY A 295 11.11 9.54 16.11
C GLY A 295 10.75 10.75 16.94
N LYS A 296 11.67 11.21 17.78
CA LYS A 296 11.44 12.42 18.56
C LYS A 296 11.45 13.63 17.63
N LEU A 297 10.30 14.30 17.53
CA LEU A 297 10.11 15.38 16.57
C LEU A 297 11.06 16.55 16.74
N GLU A 298 11.42 16.85 18.00
N GLU A 298 11.44 16.82 17.99
CA GLU A 298 12.33 17.94 18.28
CA GLU A 298 12.32 17.93 18.32
C GLU A 298 13.72 17.69 17.69
C GLU A 298 13.75 17.68 17.82
N ALA A 299 14.08 16.41 17.58
CA ALA A 299 15.41 16.04 17.09
C ALA A 299 15.42 15.81 15.58
N PHE A 300 14.24 15.64 15.00
CA PHE A 300 14.11 15.33 13.59
C PHE A 300 14.40 16.54 12.70
N ALA A 301 15.46 16.45 11.91
CA ALA A 301 15.88 17.52 11.00
C ALA A 301 16.01 18.85 11.73
N SER A 302 16.66 18.82 12.89
CA SER A 302 16.74 19.99 13.77
C SER A 302 17.57 21.13 13.19
N ARG A 303 18.30 20.86 12.11
CA ARG A 303 19.20 21.86 11.56
C ARG A 303 18.74 22.31 10.18
N ALA A 304 17.58 21.79 9.76
CA ALA A 304 17.13 21.99 8.39
C ALA A 304 15.99 23.00 8.28
N LYS A 305 16.03 23.78 7.21
CA LYS A 305 14.87 24.53 6.77
C LYS A 305 13.97 23.56 6.02
N ILE A 306 12.71 23.48 6.45
CA ILE A 306 11.84 22.43 5.97
C ILE A 306 10.83 22.91 4.93
N VAL A 307 10.81 22.23 3.79
CA VAL A 307 9.83 22.50 2.74
C VAL A 307 8.85 21.33 2.65
N HIS A 308 7.57 21.63 2.79
CA HIS A 308 6.56 20.58 2.80
C HIS A 308 5.51 20.81 1.72
N ILE A 309 5.41 19.87 0.79
CA ILE A 309 4.40 19.94 -0.26
C ILE A 309 3.40 18.79 -0.12
N ASP A 310 2.16 19.14 0.22
CA ASP A 310 1.13 18.14 0.45
C ASP A 310 -0.21 18.61 -0.12
N ILE A 311 -1.01 17.65 -0.61
CA ILE A 311 -2.29 17.97 -1.21
C ILE A 311 -3.37 18.09 -0.13
N ASP A 312 -3.00 17.74 1.10
CA ASP A 312 -3.90 17.84 2.24
C ASP A 312 -3.42 18.93 3.19
N SER A 313 -4.16 20.03 3.27
CA SER A 313 -3.78 21.16 4.11
C SER A 313 -3.69 20.79 5.58
N ALA A 314 -4.45 19.78 5.98
CA ALA A 314 -4.47 19.33 7.38
C ALA A 314 -3.15 18.68 7.79
N GLU A 315 -2.35 18.28 6.80
CA GLU A 315 -1.07 17.63 7.07
C GLU A 315 0.06 18.64 7.22
N ILE A 316 -0.15 19.84 6.70
CA ILE A 316 0.89 20.86 6.71
C ILE A 316 0.93 21.60 8.03
N GLY A 317 1.88 21.21 8.89
CA GLY A 317 2.04 21.82 10.19
C GLY A 317 1.46 20.99 11.32
N LYS A 318 1.11 19.74 11.01
CA LYS A 318 0.48 18.87 12.00
C LYS A 318 1.46 18.42 13.08
N ASN A 319 2.60 17.87 12.65
CA ASN A 319 3.60 17.39 13.59
C ASN A 319 4.86 18.26 13.57
N LYS A 320 5.40 18.46 12.37
CA LYS A 320 6.60 19.28 12.20
C LYS A 320 6.23 20.57 11.46
N THR A 321 6.69 21.70 11.99
CA THR A 321 6.34 23.00 11.43
C THR A 321 7.33 23.42 10.34
N PRO A 322 6.85 23.53 9.09
CA PRO A 322 7.68 23.89 7.95
C PRO A 322 7.95 25.39 7.86
N HIS A 323 9.08 25.74 7.23
CA HIS A 323 9.40 27.14 6.97
C HIS A 323 8.70 27.57 5.70
N VAL A 324 8.72 26.69 4.70
CA VAL A 324 8.06 26.93 3.43
C VAL A 324 7.12 25.78 3.12
N SER A 325 5.92 26.10 2.64
CA SER A 325 4.94 25.06 2.33
C SER A 325 4.21 25.33 1.02
N VAL A 326 3.74 24.26 0.39
CA VAL A 326 2.90 24.36 -0.79
C VAL A 326 1.76 23.36 -0.66
N CYS A 327 0.52 23.85 -0.72
CA CYS A 327 -0.63 22.97 -0.66
C CYS A 327 -1.15 22.67 -2.06
N GLY A 328 -0.77 21.52 -2.60
CA GLY A 328 -1.18 21.13 -3.92
C GLY A 328 -0.56 19.83 -4.41
N ASP A 329 -0.78 19.54 -5.69
CA ASP A 329 -0.24 18.34 -6.32
C ASP A 329 1.28 18.45 -6.46
N VAL A 330 2.00 17.48 -5.89
CA VAL A 330 3.45 17.50 -5.93
C VAL A 330 3.93 17.31 -7.37
N LYS A 331 3.11 16.66 -8.19
CA LYS A 331 3.41 16.47 -9.60
C LYS A 331 3.51 17.80 -10.33
N LEU A 332 2.56 18.69 -10.06
CA LEU A 332 2.54 20.01 -10.67
C LEU A 332 3.65 20.89 -10.13
N ALA A 333 3.92 20.78 -8.83
CA ALA A 333 4.98 21.54 -8.20
C ALA A 333 6.34 21.17 -8.80
N LEU A 334 6.54 19.88 -9.00
CA LEU A 334 7.78 19.37 -9.60
C LEU A 334 7.95 19.89 -11.03
N GLN A 335 6.86 19.88 -11.78
CA GLN A 335 6.88 20.36 -13.16
C GLN A 335 7.29 21.83 -13.23
N GLY A 336 6.70 22.64 -12.36
CA GLY A 336 6.99 24.06 -12.32
C GLY A 336 8.43 24.34 -11.94
N MET A 337 8.92 23.61 -10.93
CA MET A 337 10.29 23.80 -10.46
C MET A 337 11.30 23.32 -11.49
N ASN A 338 10.95 22.27 -12.24
CA ASN A 338 11.82 21.78 -13.30
C ASN A 338 12.00 22.80 -14.42
N LYS A 339 10.93 23.51 -14.74
CA LYS A 339 10.97 24.53 -15.78
C LYS A 339 11.93 25.66 -15.39
N VAL A 340 11.88 26.05 -14.11
CA VAL A 340 12.76 27.10 -13.60
C VAL A 340 14.19 26.61 -13.48
N LEU A 341 14.36 25.41 -12.94
CA LEU A 341 15.68 24.84 -12.72
C LEU A 341 16.45 24.60 -14.01
N GLU A 342 15.74 24.57 -15.14
CA GLU A 342 16.39 24.36 -16.42
C GLU A 342 16.68 25.68 -17.13
N ASN A 343 15.77 26.64 -17.01
CA ASN A 343 15.96 27.94 -17.63
C ASN A 343 17.03 28.77 -16.94
N ARG A 344 17.15 28.58 -15.62
CA ARG A 344 18.15 29.28 -14.82
C ARG A 344 19.26 28.32 -14.43
N ALA A 345 19.45 27.28 -15.24
CA ALA A 345 20.33 26.17 -14.90
C ALA A 345 21.79 26.55 -14.68
N GLU A 346 22.31 27.46 -15.50
CA GLU A 346 23.71 27.86 -15.42
C GLU A 346 23.88 29.13 -14.60
N GLU A 347 22.80 29.91 -14.47
CA GLU A 347 22.77 31.03 -13.53
C GLU A 347 22.96 30.48 -12.12
N LEU A 348 22.27 29.39 -11.84
CA LEU A 348 22.49 28.62 -10.61
C LEU A 348 23.70 27.72 -10.81
N LYS A 349 24.51 27.55 -9.77
CA LYS A 349 25.64 26.63 -9.85
C LYS A 349 25.45 25.52 -8.83
N LEU A 350 24.45 24.68 -9.06
CA LEU A 350 24.11 23.62 -8.11
C LEU A 350 25.13 22.49 -8.15
N ASP A 351 25.78 22.27 -7.01
CA ASP A 351 26.78 21.23 -6.88
C ASP A 351 26.93 20.82 -5.42
N PHE A 352 26.19 19.79 -5.02
CA PHE A 352 26.28 19.28 -3.66
C PHE A 352 27.16 18.03 -3.59
N GLY A 353 28.21 18.03 -4.41
CA GLY A 353 29.12 16.90 -4.47
C GLY A 353 29.86 16.65 -3.18
N VAL A 354 30.13 17.72 -2.43
CA VAL A 354 30.80 17.61 -1.14
C VAL A 354 29.88 16.94 -0.12
N TRP A 355 28.59 17.29 -0.18
CA TRP A 355 27.59 16.70 0.68
C TRP A 355 27.33 15.23 0.31
N ARG A 356 27.29 14.96 -0.99
CA ARG A 356 27.09 13.60 -1.48
C ARG A 356 28.28 12.71 -1.12
N ASN A 357 29.48 13.30 -1.10
CA ASN A 357 30.67 12.57 -0.71
C ASN A 357 30.61 12.18 0.76
N GLU A 358 30.13 13.10 1.59
CA GLU A 358 30.00 12.86 3.02
C GLU A 358 29.02 11.72 3.30
N LEU A 359 27.94 11.68 2.53
CA LEU A 359 26.94 10.62 2.69
C LEU A 359 27.46 9.28 2.17
N ASN A 360 28.18 9.33 1.05
CA ASN A 360 28.73 8.11 0.46
C ASN A 360 29.79 7.47 1.36
N VAL A 361 30.38 8.28 2.23
CA VAL A 361 31.29 7.75 3.24
C VAL A 361 30.50 6.96 4.29
N GLN A 362 29.37 7.50 4.68
CA GLN A 362 28.48 6.82 5.63
C GLN A 362 27.92 5.54 5.03
N LYS A 363 27.72 5.55 3.70
CA LYS A 363 27.17 4.39 3.02
C LYS A 363 28.17 3.24 2.97
N GLN A 364 29.46 3.59 2.98
CA GLN A 364 30.51 2.58 2.96
C GLN A 364 30.77 2.02 4.36
N LYS A 365 30.68 2.89 5.36
CA LYS A 365 30.96 2.49 6.75
C LYS A 365 29.76 1.80 7.41
N PHE A 366 28.56 2.17 7.00
CA PHE A 366 27.36 1.58 7.61
C PHE A 366 26.32 1.13 6.59
N PRO A 367 26.66 0.14 5.76
CA PRO A 367 25.71 -0.36 4.76
C PRO A 367 24.77 -1.40 5.36
N LEU A 368 23.70 -1.74 4.62
CA LEU A 368 22.82 -2.83 5.02
C LEU A 368 23.63 -4.12 5.08
N SER A 369 23.41 -4.91 6.13
CA SER A 369 24.19 -6.13 6.31
C SER A 369 23.36 -7.28 6.87
N PHE A 370 23.83 -8.49 6.62
CA PHE A 370 23.26 -9.68 7.22
C PHE A 370 24.36 -10.71 7.43
N LYS A 371 24.15 -11.64 8.35
CA LYS A 371 25.15 -12.65 8.63
C LYS A 371 24.66 -14.02 8.14
N THR A 372 25.60 -14.84 7.67
CA THR A 372 25.27 -16.17 7.18
C THR A 372 25.79 -17.25 8.12
N PHE A 373 24.88 -18.08 8.63
CA PHE A 373 25.26 -19.11 9.58
C PHE A 373 25.16 -20.51 8.97
N GLY A 374 26.31 -21.11 8.70
CA GLY A 374 26.35 -22.45 8.13
C GLY A 374 25.61 -22.56 6.81
N GLU A 375 24.67 -23.50 6.75
CA GLU A 375 23.86 -23.69 5.55
C GLU A 375 22.45 -23.13 5.72
N ALA A 376 22.19 -22.51 6.87
CA ALA A 376 20.90 -21.89 7.13
C ALA A 376 20.66 -20.74 6.16
N ILE A 377 19.39 -20.49 5.86
CA ILE A 377 19.02 -19.47 4.87
C ILE A 377 18.75 -18.11 5.50
N PRO A 378 19.57 -17.11 5.14
CA PRO A 378 19.26 -15.73 5.53
C PRO A 378 18.10 -15.19 4.71
N PRO A 379 17.02 -14.76 5.37
CA PRO A 379 15.87 -14.19 4.68
C PRO A 379 16.25 -13.01 3.79
N GLN A 380 17.19 -12.19 4.27
CA GLN A 380 17.73 -11.08 3.49
C GLN A 380 18.29 -11.57 2.16
N TYR A 381 19.08 -12.64 2.23
CA TYR A 381 19.71 -13.23 1.05
C TYR A 381 18.67 -13.77 0.08
N ALA A 382 17.60 -14.36 0.62
CA ALA A 382 16.53 -14.93 -0.19
C ALA A 382 15.88 -13.86 -1.07
N ILE A 383 15.59 -12.72 -0.46
CA ILE A 383 14.97 -11.61 -1.14
C ILE A 383 15.92 -11.00 -2.17
N LYS A 384 17.20 -10.99 -1.83
CA LYS A 384 18.23 -10.44 -2.72
C LYS A 384 18.36 -11.31 -3.97
N VAL A 385 18.19 -12.61 -3.81
CA VAL A 385 18.24 -13.55 -4.94
C VAL A 385 17.01 -13.38 -5.82
N LEU A 386 15.85 -13.17 -5.19
CA LEU A 386 14.63 -12.92 -5.93
C LEU A 386 14.75 -11.67 -6.80
N ASP A 387 15.40 -10.66 -6.25
CA ASP A 387 15.66 -9.42 -6.97
C ASP A 387 16.45 -9.70 -8.24
N GLU A 388 17.52 -10.47 -8.10
CA GLU A 388 18.40 -10.80 -9.23
C GLU A 388 17.67 -11.59 -10.31
N LEU A 389 16.88 -12.57 -9.89
CA LEU A 389 16.25 -13.49 -10.84
C LEU A 389 15.02 -12.88 -11.52
N THR A 390 14.42 -11.86 -10.89
CA THR A 390 13.29 -11.17 -11.50
C THR A 390 13.72 -9.86 -12.12
N ASP A 391 15.01 -9.56 -12.01
CA ASP A 391 15.61 -8.36 -12.58
C ASP A 391 14.95 -7.09 -12.02
N GLY A 392 14.46 -7.18 -10.78
CA GLY A 392 13.88 -6.04 -10.09
C GLY A 392 12.60 -5.50 -10.70
N LYS A 393 11.96 -6.30 -11.54
CA LYS A 393 10.77 -5.85 -12.25
C LYS A 393 9.48 -6.48 -11.72
N ALA A 394 9.60 -7.21 -10.62
CA ALA A 394 8.45 -7.93 -10.08
C ALA A 394 7.57 -7.04 -9.21
N ILE A 395 6.28 -7.37 -9.17
CA ILE A 395 5.37 -6.72 -8.23
C ILE A 395 5.42 -7.49 -6.92
N ILE A 396 5.69 -6.79 -5.83
CA ILE A 396 5.91 -7.42 -4.53
C ILE A 396 4.88 -6.98 -3.50
N SER A 397 4.08 -7.92 -3.02
CA SER A 397 3.20 -7.66 -1.88
C SER A 397 3.74 -8.39 -0.67
N THR A 398 3.48 -7.87 0.52
CA THR A 398 3.98 -8.48 1.74
C THR A 398 2.93 -8.57 2.83
N GLY A 399 3.24 -9.34 3.87
CA GLY A 399 2.48 -9.31 5.09
C GLY A 399 3.02 -8.19 5.96
N VAL A 400 2.99 -8.39 7.28
CA VAL A 400 3.50 -7.39 8.20
C VAL A 400 4.40 -8.04 9.24
N GLY A 401 5.58 -7.47 9.45
CA GLY A 401 6.54 -8.00 10.40
C GLY A 401 7.96 -7.89 9.90
N GLN A 402 8.82 -8.79 10.38
CA GLN A 402 10.22 -8.79 9.99
C GLN A 402 10.41 -8.95 8.48
N HIS A 403 9.71 -9.92 7.91
CA HIS A 403 9.83 -10.21 6.47
C HIS A 403 9.43 -9.00 5.64
N GLN A 404 8.48 -8.22 6.15
CA GLN A 404 8.02 -7.00 5.48
C GLN A 404 9.16 -5.99 5.38
N MET A 405 9.87 -5.80 6.48
CA MET A 405 10.98 -4.85 6.53
C MET A 405 12.14 -5.30 5.64
N TRP A 406 12.42 -6.60 5.64
CA TRP A 406 13.47 -7.15 4.81
C TRP A 406 13.11 -7.07 3.33
N ALA A 407 11.82 -7.19 3.03
CA ALA A 407 11.34 -7.09 1.65
C ALA A 407 11.53 -5.67 1.13
N ALA A 408 11.47 -4.70 2.05
CA ALA A 408 11.64 -3.30 1.69
C ALA A 408 13.12 -2.93 1.62
N GLN A 409 13.94 -3.62 2.42
CA GLN A 409 15.36 -3.29 2.50
C GLN A 409 16.20 -3.93 1.39
N PHE A 410 15.88 -5.16 1.05
CA PHE A 410 16.77 -5.94 0.17
C PHE A 410 16.19 -6.23 -1.21
N TYR A 411 15.19 -5.44 -1.62
CA TYR A 411 14.72 -5.47 -3.00
C TYR A 411 14.75 -4.06 -3.58
N ASN A 412 15.36 -3.91 -4.74
CA ASN A 412 15.50 -2.60 -5.36
C ASN A 412 14.42 -2.33 -6.41
N TYR A 413 13.36 -1.65 -5.98
CA TYR A 413 12.22 -1.34 -6.85
C TYR A 413 12.54 -0.22 -7.82
N LYS A 414 12.37 -0.50 -9.11
CA LYS A 414 12.72 0.42 -10.17
C LYS A 414 11.66 1.49 -10.40
N LYS A 415 10.39 1.09 -10.26
CA LYS A 415 9.26 1.97 -10.54
C LYS A 415 8.26 1.93 -9.39
N PRO A 416 7.44 2.99 -9.26
CA PRO A 416 6.39 2.95 -8.25
C PRO A 416 5.29 1.94 -8.59
N ARG A 417 4.53 1.54 -7.57
CA ARG A 417 3.45 0.56 -7.69
C ARG A 417 3.96 -0.86 -7.98
N GLN A 418 5.22 -1.09 -7.64
CA GLN A 418 5.77 -2.45 -7.56
C GLN A 418 5.65 -2.95 -6.13
N TRP A 419 5.57 -1.99 -5.21
CA TRP A 419 5.63 -2.26 -3.78
C TRP A 419 4.26 -2.09 -3.14
N LEU A 420 3.66 -3.21 -2.75
CA LEU A 420 2.33 -3.20 -2.13
C LEU A 420 2.43 -3.71 -0.70
N SER A 421 2.25 -2.82 0.27
CA SER A 421 2.44 -3.18 1.66
C SER A 421 1.64 -2.30 2.61
N SER A 422 1.05 -2.91 3.63
CA SER A 422 0.28 -2.18 4.63
C SER A 422 1.21 -1.42 5.58
N GLY A 423 1.21 -0.09 5.47
CA GLY A 423 2.15 0.72 6.23
C GLY A 423 1.60 1.40 7.46
N GLY A 424 0.48 2.10 7.30
CA GLY A 424 -0.10 2.88 8.39
C GLY A 424 -0.80 2.05 9.44
N LEU A 425 -1.66 1.14 8.98
CA LEU A 425 -2.37 0.24 9.88
C LEU A 425 -1.55 -1.01 10.16
N GLY A 426 -0.80 -1.43 9.14
CA GLY A 426 0.07 -2.59 9.24
C GLY A 426 -0.70 -3.87 9.53
N ALA A 427 -1.60 -4.23 8.62
CA ALA A 427 -2.49 -5.37 8.83
C ALA A 427 -1.92 -6.67 8.28
N MET A 428 -1.73 -7.65 9.15
CA MET A 428 -1.34 -8.99 8.73
C MET A 428 -2.42 -9.62 7.84
N GLY A 429 -2.02 -10.58 7.01
CA GLY A 429 -2.94 -11.25 6.12
C GLY A 429 -3.23 -10.45 4.87
N PHE A 430 -2.46 -9.38 4.68
CA PHE A 430 -2.65 -8.48 3.55
C PHE A 430 -2.00 -9.01 2.27
N GLY A 431 -0.88 -9.70 2.43
CA GLY A 431 -0.02 -10.10 1.33
C GLY A 431 -0.66 -10.92 0.23
N LEU A 432 -1.22 -12.07 0.58
CA LEU A 432 -1.81 -12.97 -0.40
C LEU A 432 -2.99 -12.34 -1.17
N PRO A 433 -3.97 -11.74 -0.46
CA PRO A 433 -5.06 -11.14 -1.23
C PRO A 433 -4.61 -9.96 -2.10
N ALA A 434 -3.67 -9.15 -1.61
CA ALA A 434 -3.18 -8.01 -2.37
C ALA A 434 -2.50 -8.47 -3.66
N ALA A 435 -1.80 -9.59 -3.58
CA ALA A 435 -1.15 -10.18 -4.75
C ALA A 435 -2.20 -10.60 -5.77
N ILE A 436 -3.33 -11.09 -5.27
CA ILE A 436 -4.44 -11.48 -6.14
C ILE A 436 -4.93 -10.29 -6.95
N GLY A 437 -5.20 -9.19 -6.25
CA GLY A 437 -5.67 -7.97 -6.90
C GLY A 437 -4.66 -7.44 -7.90
N ALA A 438 -3.38 -7.50 -7.54
CA ALA A 438 -2.32 -7.01 -8.41
C ALA A 438 -2.20 -7.83 -9.69
N SER A 439 -2.40 -9.14 -9.57
CA SER A 439 -2.25 -10.03 -10.71
C SER A 439 -3.41 -9.87 -11.69
N VAL A 440 -4.60 -9.58 -11.16
CA VAL A 440 -5.76 -9.32 -11.99
C VAL A 440 -5.57 -8.02 -12.76
N ALA A 441 -5.02 -7.01 -12.08
CA ALA A 441 -4.77 -5.72 -12.70
C ALA A 441 -3.59 -5.77 -13.66
N ASN A 442 -2.63 -6.65 -13.37
CA ASN A 442 -1.43 -6.78 -14.19
C ASN A 442 -1.15 -8.22 -14.58
N PRO A 443 -1.91 -8.74 -15.56
CA PRO A 443 -1.90 -10.16 -15.95
C PRO A 443 -0.54 -10.65 -16.46
N ASP A 444 0.24 -9.76 -17.07
CA ASP A 444 1.51 -10.14 -17.68
C ASP A 444 2.70 -9.94 -16.75
N ALA A 445 2.43 -9.44 -15.55
CA ALA A 445 3.51 -9.11 -14.61
C ALA A 445 3.90 -10.29 -13.73
N ILE A 446 5.14 -10.28 -13.26
CA ILE A 446 5.57 -11.21 -12.23
C ILE A 446 5.09 -10.71 -10.89
N VAL A 447 4.21 -11.47 -10.24
CA VAL A 447 3.66 -11.07 -8.95
C VAL A 447 4.11 -12.03 -7.86
N VAL A 448 4.74 -11.48 -6.82
CA VAL A 448 5.28 -12.31 -5.75
C VAL A 448 4.83 -11.82 -4.38
N ASP A 449 4.24 -12.72 -3.60
CA ASP A 449 3.87 -12.41 -2.23
C ASP A 449 4.97 -12.88 -1.28
N ILE A 450 5.73 -11.92 -0.76
CA ILE A 450 6.73 -12.22 0.26
C ILE A 450 6.06 -12.17 1.62
N ASP A 451 5.77 -13.35 2.17
CA ASP A 451 4.92 -13.45 3.35
C ASP A 451 5.61 -14.14 4.52
N GLY A 452 5.06 -13.95 5.71
CA GLY A 452 5.49 -14.65 6.90
C GLY A 452 4.46 -15.68 7.29
N ASP A 453 4.87 -16.70 8.03
CA ASP A 453 3.98 -17.83 8.35
C ASP A 453 2.80 -17.42 9.23
N GLY A 454 2.95 -16.33 9.97
CA GLY A 454 1.85 -15.80 10.76
C GLY A 454 0.85 -15.06 9.89
N SER A 455 1.35 -14.17 9.05
CA SER A 455 0.51 -13.37 8.17
C SER A 455 -0.14 -14.22 7.09
N PHE A 456 0.62 -15.17 6.55
CA PHE A 456 0.15 -15.99 5.45
C PHE A 456 -1.08 -16.83 5.81
N ILE A 457 -1.05 -17.45 6.99
CA ILE A 457 -2.12 -18.36 7.38
C ILE A 457 -3.41 -17.61 7.71
N MET A 458 -3.29 -16.31 7.98
CA MET A 458 -4.45 -15.51 8.36
C MET A 458 -5.53 -15.46 7.27
N ASN A 459 -5.10 -15.42 6.01
CA ASN A 459 -6.05 -15.44 4.89
C ASN A 459 -5.68 -16.52 3.89
N VAL A 460 -5.25 -17.67 4.41
CA VAL A 460 -4.80 -18.79 3.60
C VAL A 460 -5.90 -19.31 2.68
N GLN A 461 -7.16 -19.03 3.03
CA GLN A 461 -8.29 -19.52 2.25
C GLN A 461 -8.31 -18.95 0.83
N GLU A 462 -7.59 -17.84 0.62
CA GLU A 462 -7.56 -17.20 -0.68
C GLU A 462 -6.69 -17.96 -1.68
N LEU A 463 -6.04 -19.02 -1.22
CA LEU A 463 -5.33 -19.92 -2.12
C LEU A 463 -6.31 -20.54 -3.10
N ALA A 464 -7.53 -20.80 -2.63
CA ALA A 464 -8.59 -21.33 -3.48
C ALA A 464 -8.92 -20.35 -4.59
N THR A 465 -9.05 -19.08 -4.23
CA THR A 465 -9.29 -18.01 -5.19
C THR A 465 -8.24 -18.01 -6.29
N ILE A 466 -6.99 -18.14 -5.90
CA ILE A 466 -5.87 -18.11 -6.82
C ILE A 466 -5.93 -19.23 -7.87
N ARG A 467 -6.21 -20.45 -7.43
CA ARG A 467 -6.30 -21.58 -8.35
C ARG A 467 -7.51 -21.44 -9.29
N VAL A 468 -8.67 -21.16 -8.72
CA VAL A 468 -9.89 -21.06 -9.51
C VAL A 468 -9.78 -19.96 -10.57
N GLU A 469 -9.14 -18.85 -10.21
CA GLU A 469 -8.98 -17.74 -11.13
C GLU A 469 -7.74 -17.88 -12.02
N ASN A 470 -6.99 -18.97 -11.79
CA ASN A 470 -5.78 -19.28 -12.56
C ASN A 470 -4.79 -18.12 -12.62
N LEU A 471 -4.54 -17.49 -11.48
CA LEU A 471 -3.61 -16.37 -11.40
C LEU A 471 -2.19 -16.85 -11.10
N PRO A 472 -1.20 -16.32 -11.83
CA PRO A 472 0.19 -16.75 -11.68
C PRO A 472 0.86 -16.15 -10.44
N VAL A 473 0.16 -16.13 -9.31
CA VAL A 473 0.71 -15.60 -8.07
C VAL A 473 1.77 -16.51 -7.47
N LYS A 474 2.96 -15.96 -7.25
CA LYS A 474 4.03 -16.70 -6.59
C LYS A 474 4.07 -16.33 -5.11
N VAL A 475 4.24 -17.33 -4.25
CA VAL A 475 4.33 -17.07 -2.82
C VAL A 475 5.72 -17.42 -2.30
N LEU A 476 6.47 -16.40 -1.88
CA LEU A 476 7.76 -16.62 -1.24
C LEU A 476 7.57 -16.56 0.27
N LEU A 477 7.33 -17.71 0.88
CA LEU A 477 7.02 -17.77 2.29
C LEU A 477 8.28 -17.88 3.15
N LEU A 478 8.59 -16.81 3.87
CA LEU A 478 9.70 -16.81 4.81
C LEU A 478 9.21 -17.34 6.15
N ASN A 479 9.60 -18.58 6.46
CA ASN A 479 9.06 -19.29 7.62
C ASN A 479 10.07 -19.37 8.76
N ASN A 480 9.84 -18.58 9.80
CA ASN A 480 10.68 -18.62 11.00
C ASN A 480 9.95 -19.24 12.19
N GLN A 481 8.78 -19.80 11.93
CA GLN A 481 7.97 -20.49 12.95
C GLN A 481 7.53 -19.57 14.09
N HIS A 482 7.66 -18.26 13.89
CA HIS A 482 7.32 -17.30 14.94
C HIS A 482 6.62 -16.07 14.40
N LEU A 483 6.06 -15.28 15.32
CA LEU A 483 5.71 -13.89 15.04
C LEU A 483 6.97 -13.06 15.26
N GLY A 484 7.80 -12.99 14.23
CA GLY A 484 9.16 -12.45 14.34
C GLY A 484 9.31 -11.07 14.95
N MET A 485 8.55 -10.10 14.43
CA MET A 485 8.65 -8.73 14.89
C MET A 485 8.39 -8.60 16.39
N VAL A 486 7.32 -9.24 16.85
CA VAL A 486 6.98 -9.23 18.27
C VAL A 486 8.06 -9.95 19.07
N MET A 487 8.55 -11.04 18.52
CA MET A 487 9.62 -11.83 19.14
C MET A 487 10.90 -11.00 19.29
N GLN A 488 11.14 -10.13 18.32
CA GLN A 488 12.31 -9.24 18.36
C GLN A 488 12.21 -8.24 19.50
N TRP A 489 11.03 -7.65 19.66
CA TRP A 489 10.78 -6.69 20.73
C TRP A 489 10.88 -7.35 22.11
N GLU A 490 10.51 -8.63 22.18
CA GLU A 490 10.65 -9.39 23.41
C GLU A 490 12.13 -9.50 23.78
N ASP A 491 12.97 -9.73 22.78
CA ASP A 491 14.41 -9.88 23.00
C ASP A 491 15.07 -8.61 23.50
N ARG A 492 14.65 -7.46 22.96
CA ARG A 492 15.31 -6.21 23.28
C ARG A 492 14.73 -5.48 24.48
N PHE A 493 13.46 -5.73 24.79
CA PHE A 493 12.78 -4.93 25.81
C PHE A 493 12.14 -5.75 26.94
N TYR A 494 12.08 -7.07 26.79
CA TYR A 494 11.45 -7.90 27.80
C TYR A 494 12.28 -9.13 28.15
N LYS A 495 13.60 -8.99 28.01
CA LYS A 495 14.55 -10.04 28.38
C LYS A 495 14.23 -11.37 27.69
N ALA A 496 13.80 -11.29 26.44
CA ALA A 496 13.52 -12.46 25.60
C ALA A 496 12.47 -13.40 26.21
N ASN A 497 11.58 -12.84 27.02
CA ASN A 497 10.51 -13.64 27.60
C ASN A 497 9.37 -13.89 26.61
N ARG A 498 9.24 -15.14 26.19
CA ARG A 498 8.25 -15.50 25.17
C ARG A 498 6.82 -15.43 25.69
N ALA A 499 6.00 -14.60 25.05
CA ALA A 499 4.59 -14.50 25.38
C ALA A 499 3.74 -14.75 24.14
N HIS A 500 3.53 -16.03 23.84
CA HIS A 500 2.65 -16.47 22.76
C HIS A 500 3.11 -15.97 21.38
N THR A 501 4.39 -16.15 21.09
CA THR A 501 4.95 -15.74 19.81
C THR A 501 5.37 -16.93 18.94
N PHE A 502 5.43 -18.12 19.54
CA PHE A 502 5.75 -19.33 18.81
C PHE A 502 4.51 -19.87 18.10
N LEU A 503 4.65 -20.17 16.80
CA LEU A 503 3.52 -20.55 15.98
C LEU A 503 3.47 -22.05 15.65
N GLY A 504 4.51 -22.78 16.04
CA GLY A 504 4.56 -24.21 15.76
C GLY A 504 3.84 -25.04 16.80
N ASP A 505 4.13 -26.34 16.82
CA ASP A 505 3.52 -27.25 17.78
C ASP A 505 4.54 -27.65 18.84
N PRO A 506 4.30 -27.26 20.10
CA PRO A 506 5.18 -27.53 21.24
C PRO A 506 5.38 -29.02 21.52
N ALA A 507 4.52 -29.86 20.98
CA ALA A 507 4.66 -31.31 21.15
C ALA A 507 5.71 -31.86 20.18
N GLN A 508 5.93 -31.14 19.09
CA GLN A 508 6.95 -31.48 18.10
C GLN A 508 7.68 -30.22 17.67
N GLU A 509 8.41 -29.60 18.60
CA GLU A 509 8.91 -28.24 18.41
C GLU A 509 9.98 -28.11 17.31
N ASP A 510 10.55 -29.23 16.87
CA ASP A 510 11.56 -29.19 15.81
C ASP A 510 10.94 -29.45 14.44
N GLU A 511 9.70 -29.94 14.44
CA GLU A 511 8.96 -30.13 13.21
C GLU A 511 8.35 -28.81 12.76
N ILE A 512 8.36 -28.55 11.45
CA ILE A 512 7.75 -27.34 10.92
C ILE A 512 6.24 -27.47 10.93
N PHE A 513 5.58 -26.55 11.64
CA PHE A 513 4.14 -26.58 11.77
C PHE A 513 3.55 -25.18 11.60
N PRO A 514 2.47 -25.07 10.81
CA PRO A 514 1.86 -26.16 10.04
C PRO A 514 2.65 -26.50 8.77
N ASN A 515 2.23 -27.53 8.06
CA ASN A 515 2.83 -27.87 6.77
C ASN A 515 2.16 -27.08 5.66
N MET A 516 2.75 -25.95 5.31
CA MET A 516 2.17 -25.03 4.32
C MET A 516 2.08 -25.66 2.94
N LEU A 517 2.92 -26.65 2.67
CA LEU A 517 2.89 -27.35 1.39
C LEU A 517 1.55 -28.01 1.16
N LEU A 518 0.97 -28.55 2.23
CA LEU A 518 -0.30 -29.26 2.15
C LEU A 518 -1.48 -28.29 2.02
N PHE A 519 -1.30 -27.06 2.51
CA PHE A 519 -2.27 -26.01 2.28
C PHE A 519 -2.40 -25.73 0.79
N ALA A 520 -1.25 -25.67 0.12
CA ALA A 520 -1.20 -25.43 -1.32
C ALA A 520 -1.76 -26.61 -2.09
N ALA A 521 -1.37 -27.81 -1.68
CA ALA A 521 -1.82 -29.04 -2.33
C ALA A 521 -3.34 -29.18 -2.27
N ALA A 522 -3.92 -28.70 -1.17
CA ALA A 522 -5.37 -28.72 -0.99
C ALA A 522 -6.04 -27.90 -2.09
N CYS A 523 -5.37 -26.84 -2.54
CA CYS A 523 -5.92 -25.97 -3.57
C CYS A 523 -5.25 -26.21 -4.93
N GLY A 524 -4.62 -27.37 -5.09
CA GLY A 524 -4.00 -27.75 -6.34
C GLY A 524 -2.91 -26.79 -6.80
N ILE A 525 -2.19 -26.22 -5.84
CA ILE A 525 -1.12 -25.29 -6.13
C ILE A 525 0.25 -25.95 -5.87
N PRO A 526 1.04 -26.14 -6.93
CA PRO A 526 2.37 -26.77 -6.81
C PRO A 526 3.27 -26.03 -5.83
N ALA A 527 4.04 -26.78 -5.05
CA ALA A 527 4.81 -26.17 -3.98
C ALA A 527 6.04 -26.99 -3.62
N ALA A 528 6.96 -26.37 -2.90
CA ALA A 528 8.18 -27.03 -2.44
C ALA A 528 8.74 -26.33 -1.21
N ARG A 529 9.67 -26.99 -0.53
CA ARG A 529 10.31 -26.42 0.64
C ARG A 529 11.83 -26.46 0.50
N VAL A 530 12.48 -25.35 0.85
CA VAL A 530 13.93 -25.29 0.81
C VAL A 530 14.48 -24.93 2.20
N THR A 531 15.57 -25.57 2.59
CA THR A 531 16.14 -25.37 3.92
C THR A 531 17.61 -24.99 3.84
N LYS A 532 18.34 -25.55 2.89
CA LYS A 532 19.75 -25.25 2.71
C LYS A 532 19.96 -24.06 1.77
N LYS A 533 20.84 -23.15 2.17
CA LYS A 533 21.12 -21.95 1.39
C LYS A 533 21.64 -22.29 -0.01
N ALA A 534 22.31 -23.42 -0.12
CA ALA A 534 22.89 -23.85 -1.39
C ALA A 534 21.83 -24.19 -2.43
N ASP A 535 20.66 -24.61 -1.98
CA ASP A 535 19.58 -25.03 -2.88
C ASP A 535 18.58 -23.92 -3.15
N LEU A 536 18.77 -22.78 -2.49
CA LEU A 536 17.81 -21.68 -2.54
C LEU A 536 17.65 -21.08 -3.94
N ARG A 537 18.76 -20.82 -4.60
CA ARG A 537 18.75 -20.16 -5.91
C ARG A 537 17.96 -20.96 -6.94
N GLU A 538 18.21 -22.27 -7.01
CA GLU A 538 17.51 -23.15 -7.93
C GLU A 538 16.03 -23.26 -7.59
N ALA A 539 15.71 -23.22 -6.30
CA ALA A 539 14.33 -23.34 -5.85
C ALA A 539 13.48 -22.16 -6.26
N ILE A 540 14.05 -20.96 -6.13
CA ILE A 540 13.33 -19.74 -6.52
C ILE A 540 13.15 -19.69 -8.03
N GLN A 541 14.19 -20.11 -8.75
CA GLN A 541 14.13 -20.19 -10.21
C GLN A 541 12.99 -21.10 -10.65
N THR A 542 12.86 -22.25 -9.99
CA THR A 542 11.79 -23.19 -10.27
C THR A 542 10.42 -22.56 -10.03
N MET A 543 10.30 -21.81 -8.94
CA MET A 543 9.05 -21.12 -8.64
C MET A 543 8.66 -20.16 -9.75
N LEU A 544 9.65 -19.43 -10.27
CA LEU A 544 9.40 -18.45 -11.33
C LEU A 544 9.10 -19.12 -12.67
N ASP A 545 9.87 -20.15 -12.99
CA ASP A 545 9.76 -20.80 -14.30
C ASP A 545 8.52 -21.68 -14.42
N THR A 546 8.01 -22.15 -13.30
CA THR A 546 6.80 -22.98 -13.31
C THR A 546 5.58 -22.11 -13.58
N PRO A 547 4.88 -22.38 -14.70
CA PRO A 547 3.70 -21.60 -15.10
C PRO A 547 2.59 -21.69 -14.06
N GLY A 548 2.02 -20.54 -13.70
CA GLY A 548 0.90 -20.51 -12.78
C GLY A 548 1.31 -20.26 -11.35
N PRO A 549 0.40 -20.53 -10.39
CA PRO A 549 0.63 -20.32 -8.96
C PRO A 549 1.72 -21.23 -8.42
N TYR A 550 2.44 -20.78 -7.41
CA TYR A 550 3.49 -21.57 -6.79
C TYR A 550 3.76 -21.11 -5.37
N LEU A 551 4.00 -22.07 -4.48
CA LEU A 551 4.36 -21.77 -3.11
C LEU A 551 5.75 -22.29 -2.78
N LEU A 552 6.64 -21.39 -2.36
CA LEU A 552 7.97 -21.81 -1.93
C LEU A 552 8.13 -21.56 -0.43
N ASP A 553 8.28 -22.64 0.33
CA ASP A 553 8.43 -22.57 1.76
C ASP A 553 9.90 -22.42 2.15
N VAL A 554 10.31 -21.20 2.46
CA VAL A 554 11.71 -20.92 2.79
C VAL A 554 11.92 -20.92 4.30
N ILE A 555 12.68 -21.91 4.78
CA ILE A 555 12.91 -22.05 6.22
C ILE A 555 14.07 -21.17 6.69
N CYS A 556 13.78 -20.32 7.67
CA CYS A 556 14.76 -19.38 8.19
C CYS A 556 14.97 -19.56 9.69
N PRO A 557 16.18 -19.27 10.17
CA PRO A 557 16.40 -19.22 11.62
C PRO A 557 15.63 -18.05 12.22
N HIS A 558 14.99 -18.27 13.36
CA HIS A 558 14.12 -17.24 13.93
C HIS A 558 14.89 -16.21 14.75
N GLN A 559 16.16 -16.48 15.02
CA GLN A 559 16.97 -15.60 15.86
C GLN A 559 17.34 -14.28 15.19
N GLU A 560 17.00 -14.14 13.91
CA GLU A 560 17.34 -12.93 13.15
C GLU A 560 16.59 -11.69 13.63
N HIS A 561 17.28 -10.55 13.66
CA HIS A 561 16.66 -9.27 14.01
C HIS A 561 16.75 -8.29 12.85
N VAL A 562 15.69 -7.50 12.66
CA VAL A 562 15.71 -6.44 11.65
C VAL A 562 16.64 -5.31 12.10
N LEU A 563 17.60 -4.97 11.26
CA LEU A 563 18.58 -3.94 11.59
C LEU A 563 18.79 -3.01 10.41
N PRO A 564 19.16 -1.74 10.67
CA PRO A 564 19.31 -1.16 12.01
C PRO A 564 17.96 -0.78 12.62
N MET A 565 17.97 -0.33 13.87
CA MET A 565 16.73 -0.01 14.55
C MET A 565 16.86 1.23 15.44
N ILE A 566 16.01 2.22 15.18
CA ILE A 566 15.85 3.34 16.09
C ILE A 566 14.63 3.09 16.95
N PRO A 567 14.82 2.98 18.27
CA PRO A 567 13.72 2.71 19.20
C PRO A 567 12.61 3.76 19.10
N SER A 568 11.37 3.34 19.36
CA SER A 568 10.22 4.22 19.21
C SER A 568 10.35 5.48 20.08
N GLY A 569 10.28 6.64 19.45
CA GLY A 569 10.39 7.91 20.14
C GLY A 569 11.83 8.34 20.39
N GLY A 570 12.77 7.62 19.78
CA GLY A 570 14.18 7.90 19.98
C GLY A 570 14.75 8.85 18.95
N THR A 571 16.07 9.05 19.02
CA THR A 571 16.77 9.92 18.08
C THR A 571 17.77 9.12 17.26
N PHE A 572 18.51 9.81 16.39
CA PHE A 572 19.50 9.15 15.54
C PHE A 572 20.65 8.58 16.36
N ASN A 573 20.94 9.20 17.51
CA ASN A 573 22.00 8.73 18.39
C ASN A 573 21.65 7.43 19.10
N ASP A 574 20.38 7.05 19.04
CA ASP A 574 19.91 5.85 19.74
C ASP A 574 19.84 4.63 18.82
N VAL A 575 20.38 4.76 17.62
CA VAL A 575 20.26 3.70 16.61
C VAL A 575 21.02 2.44 17.03
N ILE A 576 20.35 1.30 16.91
CA ILE A 576 20.96 0.02 17.20
C ILE A 576 21.44 -0.63 15.90
N THR A 577 22.72 -1.02 15.87
CA THR A 577 23.31 -1.52 14.63
C THR A 577 23.72 -2.99 14.72
N GLU A 578 23.87 -3.52 15.92
CA GLU A 578 24.34 -4.89 16.10
C GLU A 578 23.49 -5.68 17.10
N GLY A 579 23.51 -7.00 16.94
CA GLY A 579 22.84 -7.90 17.87
C GLY A 579 21.66 -8.65 17.31
N ASP A 580 21.37 -9.80 17.92
CA ASP A 580 20.18 -10.57 17.58
C ASP A 580 19.64 -11.30 18.82
N GLY A 581 19.17 -12.53 18.62
CA GLY A 581 18.63 -13.30 19.73
C GLY A 581 19.28 -14.66 19.89
N ARG A 582 20.62 -14.68 19.88
CA ARG A 582 21.36 -15.93 20.01
C ARG A 582 22.16 -15.98 21.31
MG MG B . 7.05 -15.60 11.14
PA FAD C . 1.67 8.41 3.25
O1A FAD C . 2.17 7.54 2.09
O2A FAD C . 1.00 7.52 4.28
O5B FAD C . 0.60 9.49 2.71
C5B FAD C . 0.93 10.27 1.53
C4B FAD C . 1.04 11.74 1.95
O4B FAD C . 1.26 12.57 0.81
C3B FAD C . -0.26 12.20 2.54
O3B FAD C . 0.01 13.22 3.51
C2B FAD C . -1.00 12.76 1.40
O2B FAD C . -1.88 13.80 1.85
C1B FAD C . 0.06 13.33 0.56
N9A FAD C . -0.25 13.24 -0.83
C8A FAD C . -0.93 12.27 -1.43
N7A FAD C . -1.00 12.53 -2.74
C5A FAD C . -0.34 13.70 -2.99
C6A FAD C . -0.06 14.50 -4.14
N6A FAD C . -0.52 14.11 -5.39
N1A FAD C . 0.65 15.65 -3.99
C2A FAD C . 1.07 16.02 -2.81
N3A FAD C . 0.84 15.30 -1.70
C4A FAD C . 0.14 14.15 -1.76
N1 FAD C . 7.93 3.78 7.32
C2 FAD C . 9.23 4.34 7.07
O2 FAD C . 9.34 5.24 6.25
N3 FAD C . 10.34 3.87 7.74
C4 FAD C . 10.20 2.84 8.66
O4 FAD C . 11.19 2.42 9.24
C4X FAD C . 8.84 2.23 8.93
N5 FAD C . 8.68 1.19 9.85
C5X FAD C . 7.54 0.44 9.78
C6 FAD C . 7.51 -0.81 10.40
C7 FAD C . 6.34 -1.60 10.34
C7M FAD C . 6.31 -2.98 11.03
C8 FAD C . 5.22 -1.12 9.66
C8M FAD C . 3.96 -1.98 9.59
C9 FAD C . 5.26 0.14 9.02
C9A FAD C . 6.43 0.92 9.10
N10 FAD C . 6.49 2.17 8.47
C10 FAD C . 7.75 2.71 8.25
C1' FAD C . 5.39 2.65 7.73
C2' FAD C . 4.78 3.91 8.39
O2' FAD C . 3.94 3.50 9.46
C3' FAD C . 3.91 4.75 7.36
O3' FAD C . 3.14 3.89 6.66
C4' FAD C . 4.76 5.55 6.42
O4' FAD C . 6.00 5.91 7.04
C5' FAD C . 4.04 6.82 6.04
O5' FAD C . 4.20 7.03 4.65
P FAD C . 4.30 8.55 4.12
O1P FAD C . 5.04 9.40 5.15
O2P FAD C . 5.06 8.55 2.81
O3P FAD C . 2.87 9.16 3.90
C10 6R5 D . 2.64 2.97 19.04
O01 6R5 D . 5.77 2.04 18.36
C02 6R5 D . 5.57 1.05 19.07
N03 6R5 D . 5.10 1.23 20.42
S04 6R5 D . 4.85 2.78 20.97
C05 6R5 D . 3.80 3.64 19.82
C06 6R5 D . 3.88 5.05 19.44
C07 6R5 D . 4.91 6.09 19.99
S08 6R5 D . 2.73 5.39 18.35
C09 6R5 D . 1.99 3.93 18.18
C11 6R5 D . 2.24 1.51 19.17
O12 6R5 D . 2.10 0.70 18.03
C13 6R5 D . 2.29 -0.66 18.27
O14 6R5 D . 2.05 1.04 20.27
O15 6R5 D . 4.29 2.80 22.30
O16 6R5 D . 6.11 3.46 21.18
N17 6R5 D . 5.81 -0.25 18.51
N18 6R5 D . 6.27 -0.46 17.23
C19 6R5 D . 6.39 -1.88 17.01
O20 6R5 D . 6.82 -2.49 15.83
C21 6R5 D . 7.20 -1.57 14.80
N22 6R5 D . 6.01 -2.52 18.20
C23 6R5 D . 5.99 -3.96 18.41
C24 6R5 D . 5.65 -1.54 19.14
O25 6R5 D . 5.26 -1.74 20.28
C3' NHE E . -16.80 14.22 4.23
C2' NHE E . -17.56 15.52 4.12
C1' NHE E . -17.73 16.08 2.72
C6' NHE E . -16.66 15.72 1.70
N NHE E . -19.02 15.74 2.20
C1 NHE E . -19.87 16.87 2.38
C2 NHE E . -20.26 17.45 1.02
S NHE E . -19.51 19.04 0.84
O1 NHE E . -20.54 20.14 0.78
O2 NHE E . -18.73 19.43 2.08
O3 NHE E . -18.61 19.05 -0.39
C5' NHE E . -15.96 14.41 1.92
C4' NHE E . -15.56 14.22 3.36
K K F . -9.22 -16.57 7.42
N1' TZD G . -2.44 -8.72 14.32
C2' TZD G . -2.67 -8.20 13.07
C2A TZD G . -3.95 -8.61 12.29
N3' TZD G . -1.80 -7.33 12.51
C4' TZD G . -0.67 -6.97 13.18
N4' TZD G . 0.25 -6.07 12.59
C5' TZD G . -0.43 -7.50 14.44
C6' TZD G . -1.33 -8.36 15.00
C35 TZD G . 0.82 -7.09 15.21
N3 TZD G . 2.02 -7.64 14.63
C2 TZD G . 3.04 -6.90 13.96
OC2 TZD G . 3.18 -5.68 13.96
S1 TZD G . 3.95 -7.94 13.23
C5 TZD G . 3.62 -9.29 13.82
C4 TZD G . 2.46 -9.15 14.67
C4A TZD G . 1.78 -10.24 15.46
C5A TZD G . 4.38 -10.60 13.56
C5B TZD G . 3.98 -11.15 12.24
O5G TZD G . 4.49 -12.48 12.08
P1 TZD G . 4.85 -12.98 10.65
O11 TZD G . 6.06 -12.14 10.09
O12 TZD G . 3.68 -12.81 9.75
O13 TZD G . 5.23 -14.43 10.71
P2 TZD G . 7.50 -12.08 10.78
O21 TZD G . 7.55 -10.97 11.78
O22 TZD G . 7.79 -13.40 11.47
O23 TZD G . 8.54 -11.84 9.70
#